data_4FB7
#
_entry.id   4FB7
#
_cell.length_a   57.638
_cell.length_b   58.504
_cell.length_c   80.168
_cell.angle_alpha   90.000
_cell.angle_beta   90.000
_cell.angle_gamma   90.000
#
_symmetry.space_group_name_H-M   'P 21 21 21'
#
loop_
_entity.id
_entity.type
_entity.pdbx_description
1 polymer 'Indole-3-glycerol phosphate synthase'
2 non-polymer 2-[BIS-(2-HYDROXY-ETHYL)-AMINO]-2-HYDROXYMETHYL-PROPANE-1,3-DIOL
3 water water
#
_entity_poly.entity_id   1
_entity_poly.type   'polypeptide(L)'
_entity_poly.pdbx_seq_one_letter_code
;SNA(MSE)SPATVLDSILEGVRADVAAREASVSLSEIKAAAAAAPPPLDV(MSE)AALREPGIGVIAEVKRASPSAGALA
TIADPAKLAQAYQDGGARIVSVVTEQRRFQGSLDDLDAVRASVSIPVLRKDFVVQPYQIHEARAHGAD(MSE)LLLIVAA
LEQSVLVS(MSE)LDRTESLG(MSE)TALVEVHTEQEADRALKAGAKVIGVNARDL(MSE)TLDVDRDCFARIAPGLPSS
VIRIAESGVRGTADLLAYAGAGADAVLVGEGLVTSGDPRAAVADLVTAGTHPSCPKPAR
;
_entity_poly.pdbx_strand_id   A
#
loop_
_chem_comp.id
_chem_comp.type
_chem_comp.name
_chem_comp.formula
BTB non-polymer 2-[BIS-(2-HYDROXY-ETHYL)-AMINO]-2-HYDROXYMETHYL-PROPANE-1,3-DIOL 'C8 H19 N O5'
#
# COMPACT_ATOMS: atom_id res chain seq x y z
N ALA A 7 -23.42 8.27 -5.09
CA ALA A 7 -22.69 8.63 -6.36
C ALA A 7 -21.44 7.76 -6.62
N THR A 8 -20.30 8.13 -6.05
CA THR A 8 -19.09 7.42 -6.34
C THR A 8 -18.96 6.15 -5.49
N VAL A 9 -18.22 5.22 -6.05
CA VAL A 9 -17.79 4.05 -5.29
C VAL A 9 -17.00 4.50 -4.05
N LEU A 10 -16.13 5.50 -4.20
CA LEU A 10 -15.36 5.98 -3.08
C LEU A 10 -16.26 6.43 -1.92
N ASP A 11 -17.32 7.20 -2.23
CA ASP A 11 -18.27 7.69 -1.20
C ASP A 11 -18.84 6.47 -0.41
N SER A 12 -19.19 5.41 -1.13
CA SER A 12 -19.73 4.22 -0.48
C SER A 12 -18.69 3.51 0.39
N ILE A 13 -17.46 3.44 -0.10
CA ILE A 13 -16.39 2.90 0.71
C ILE A 13 -16.21 3.72 1.97
N LEU A 14 -16.20 5.06 1.86
CA LEU A 14 -15.96 5.90 3.02
C LEU A 14 -17.12 5.84 4.02
N GLU A 15 -18.35 5.73 3.54
CA GLU A 15 -19.54 5.48 4.42
C GLU A 15 -19.31 4.22 5.19
N GLY A 16 -18.79 3.22 4.50
CA GLY A 16 -18.49 1.98 5.13
C GLY A 16 -17.42 2.08 6.19
N VAL A 17 -16.37 2.82 5.86
CA VAL A 17 -15.28 3.02 6.80
C VAL A 17 -15.79 3.70 8.08
N ARG A 18 -16.59 4.73 7.92
CA ARG A 18 -17.09 5.45 9.07
C ARG A 18 -17.89 4.52 9.96
N ALA A 19 -18.74 3.68 9.37
CA ALA A 19 -19.54 2.77 10.13
C ALA A 19 -18.68 1.70 10.79
N ASP A 20 -17.73 1.16 10.05
CA ASP A 20 -16.95 0.09 10.56
C ASP A 20 -16.02 0.58 11.68
N VAL A 21 -15.43 1.75 11.49
CA VAL A 21 -14.61 2.35 12.54
C VAL A 21 -15.42 2.67 13.79
N ALA A 22 -16.64 3.20 13.61
CA ALA A 22 -17.48 3.53 14.77
C ALA A 22 -17.79 2.26 15.58
N ALA A 23 -18.00 1.14 14.90
CA ALA A 23 -18.31 -0.11 15.59
C ALA A 23 -17.10 -0.58 16.37
N ARG A 24 -15.90 -0.46 15.80
CA ARG A 24 -14.70 -0.86 16.52
C ARG A 24 -14.40 0.05 17.71
N GLU A 25 -14.59 1.35 17.50
CA GLU A 25 -14.33 2.35 18.54
C GLU A 25 -15.29 2.18 19.74
N ALA A 26 -16.53 1.75 19.47
CA ALA A 26 -17.50 1.41 20.55
C ALA A 26 -16.97 0.33 21.49
N SER A 27 -16.13 -0.56 20.97
CA SER A 27 -15.54 -1.66 21.71
C SER A 27 -14.16 -1.37 22.30
N VAL A 28 -13.30 -0.74 21.50
CA VAL A 28 -11.96 -0.33 21.92
C VAL A 28 -11.87 1.20 21.71
N SER A 29 -11.88 1.95 22.80
CA SER A 29 -11.99 3.40 22.72
C SER A 29 -10.74 4.02 22.12
N LEU A 30 -10.85 5.28 21.72
CA LEU A 30 -9.67 6.01 21.26
C LEU A 30 -8.54 6.00 22.30
N SER A 31 -8.85 6.22 23.57
N SER A 31 -8.84 6.22 23.56
CA SER A 31 -7.82 6.19 24.59
CA SER A 31 -7.81 6.16 24.58
C SER A 31 -7.15 4.81 24.70
C SER A 31 -7.13 4.80 24.63
N GLU A 32 -7.93 3.75 24.56
CA GLU A 32 -7.41 2.39 24.62
C GLU A 32 -6.54 2.07 23.39
N ILE A 33 -6.94 2.53 22.21
CA ILE A 33 -6.14 2.22 21.02
C ILE A 33 -4.86 3.06 20.99
N LYS A 34 -4.89 4.27 21.52
CA LYS A 34 -3.68 5.05 21.65
C LYS A 34 -2.71 4.35 22.60
N ALA A 35 -3.22 3.81 23.71
CA ALA A 35 -2.36 3.08 24.63
C ALA A 35 -1.78 1.81 23.97
N ALA A 36 -2.60 1.10 23.22
CA ALA A 36 -2.16 -0.12 22.55
C ALA A 36 -1.08 0.21 21.51
N ALA A 37 -1.25 1.30 20.77
CA ALA A 37 -0.23 1.71 19.83
C ALA A 37 1.07 2.03 20.52
N ALA A 38 0.96 2.75 21.63
CA ALA A 38 2.16 3.16 22.36
C ALA A 38 2.94 2.00 22.92
N ALA A 39 2.26 0.89 23.22
CA ALA A 39 2.90 -0.33 23.76
C ALA A 39 3.31 -1.35 22.72
N ALA A 40 3.01 -1.10 21.44
CA ALA A 40 3.29 -2.09 20.40
C ALA A 40 4.79 -2.15 20.14
N PRO A 41 5.27 -3.25 19.54
CA PRO A 41 6.65 -3.33 19.06
C PRO A 41 6.91 -2.17 18.08
N PRO A 42 8.11 -1.58 18.13
CA PRO A 42 8.35 -0.39 17.33
C PRO A 42 8.21 -0.59 15.85
N PRO A 43 7.90 0.48 15.13
CA PRO A 43 7.82 0.37 13.69
C PRO A 43 9.16 0.02 13.07
N LEU A 44 9.08 -0.75 12.00
CA LEU A 44 10.22 -1.09 11.18
C LEU A 44 10.56 0.04 10.23
N ASP A 45 11.78 0.02 9.69
CA ASP A 45 12.33 1.15 8.94
C ASP A 45 11.92 1.09 7.47
N VAL A 46 10.78 1.65 7.18
CA VAL A 46 10.25 1.66 5.81
C VAL A 46 11.13 2.46 4.84
N MSE A 47 11.62 3.60 5.32
CA MSE A 47 12.42 4.42 4.44
C MSE A 47 13.72 3.71 4.05
O MSE A 47 14.17 3.82 2.92
CB MSE A 47 12.68 5.82 5.01
CG MSE A 47 11.43 6.67 5.22
SE MSE A 47 10.42 6.99 3.61
CE MSE A 47 11.58 8.13 2.64
N ALA A 48 14.34 2.99 4.98
CA ALA A 48 15.52 2.21 4.62
C ALA A 48 15.19 1.15 3.57
N ALA A 49 14.04 0.50 3.70
CA ALA A 49 13.64 -0.48 2.71
C ALA A 49 13.50 0.17 1.36
N LEU A 50 12.86 1.33 1.29
CA LEU A 50 12.67 2.02 0.05
C LEU A 50 13.95 2.58 -0.58
N ARG A 51 14.96 2.84 0.24
CA ARG A 51 16.26 3.34 -0.22
C ARG A 51 17.18 2.24 -0.75
N GLU A 52 16.84 0.97 -0.53
N GLU A 52 16.84 0.98 -0.55
CA GLU A 52 17.64 -0.17 -1.02
CA GLU A 52 17.64 -0.11 -1.08
C GLU A 52 17.76 -0.02 -2.56
C GLU A 52 17.78 0.06 -2.59
N PRO A 53 18.93 -0.31 -3.15
CA PRO A 53 19.12 -0.11 -4.57
C PRO A 53 18.16 -0.92 -5.39
N GLY A 54 17.74 -0.35 -6.52
CA GLY A 54 16.89 -1.08 -7.43
C GLY A 54 15.44 -0.70 -7.18
N ILE A 55 14.59 -1.11 -8.11
CA ILE A 55 13.15 -0.87 -8.01
C ILE A 55 12.59 -1.82 -6.97
N GLY A 56 12.09 -1.28 -5.87
CA GLY A 56 11.58 -2.13 -4.77
C GLY A 56 10.20 -2.67 -5.10
N VAL A 57 9.90 -3.83 -4.55
CA VAL A 57 8.60 -4.46 -4.74
C VAL A 57 7.84 -4.46 -3.43
N ILE A 58 6.63 -3.88 -3.48
CA ILE A 58 5.67 -3.95 -2.38
C ILE A 58 4.63 -4.96 -2.86
N ALA A 59 4.45 -6.06 -2.15
CA ALA A 59 3.58 -7.10 -2.63
C ALA A 59 2.34 -7.18 -1.74
N GLU A 60 1.15 -7.28 -2.36
CA GLU A 60 -0.10 -7.06 -1.65
C GLU A 60 -0.92 -8.33 -1.45
N VAL A 61 -1.39 -8.46 -0.22
CA VAL A 61 -2.30 -9.48 0.22
C VAL A 61 -3.73 -8.89 0.22
N LYS A 62 -4.63 -9.51 -0.54
CA LYS A 62 -6.04 -9.16 -0.59
C LYS A 62 -6.86 -10.40 -0.82
N ARG A 63 -8.15 -10.32 -0.53
CA ARG A 63 -9.01 -11.51 -0.42
C ARG A 63 -9.27 -12.15 -1.72
N ALA A 64 -9.59 -11.34 -2.74
CA ALA A 64 -10.17 -11.98 -3.96
C ALA A 64 -9.04 -12.29 -4.93
N SER A 65 -8.98 -13.53 -5.41
CA SER A 65 -8.13 -13.89 -6.54
C SER A 65 -8.73 -15.09 -7.31
N PRO A 66 -8.29 -15.29 -8.57
CA PRO A 66 -8.84 -16.46 -9.30
C PRO A 66 -8.40 -17.80 -8.69
N SER A 67 -9.27 -18.78 -8.71
CA SER A 67 -8.99 -20.06 -8.11
C SER A 67 -8.05 -20.93 -8.98
N ALA A 68 -7.91 -20.59 -10.28
CA ALA A 68 -7.05 -21.35 -11.20
C ALA A 68 -6.53 -20.43 -12.28
N GLY A 69 -5.47 -20.88 -12.97
CA GLY A 69 -4.89 -20.24 -14.13
C GLY A 69 -3.70 -19.34 -13.83
N ALA A 70 -3.41 -18.42 -14.73
CA ALA A 70 -2.21 -17.61 -14.63
C ALA A 70 -2.18 -16.67 -13.46
N LEU A 71 -3.35 -16.34 -12.91
CA LEU A 71 -3.44 -15.43 -11.77
C LEU A 71 -3.61 -16.13 -10.44
N ALA A 72 -3.66 -17.43 -10.46
CA ALA A 72 -3.82 -18.20 -9.23
C ALA A 72 -2.69 -17.97 -8.22
N THR A 73 -3.06 -17.83 -6.94
CA THR A 73 -2.11 -17.52 -5.90
C THR A 73 -2.47 -18.24 -4.62
N ILE A 74 -1.84 -17.86 -3.53
CA ILE A 74 -2.08 -18.46 -2.23
C ILE A 74 -3.17 -17.67 -1.53
N ALA A 75 -4.23 -18.33 -1.07
CA ALA A 75 -5.35 -17.68 -0.38
C ALA A 75 -5.08 -17.21 1.03
N ASP A 76 -4.32 -18.00 1.76
CA ASP A 76 -4.11 -17.68 3.17
C ASP A 76 -3.20 -16.47 3.31
N PRO A 77 -3.60 -15.45 4.08
CA PRO A 77 -2.76 -14.24 4.17
C PRO A 77 -1.36 -14.45 4.69
N ALA A 78 -1.19 -15.22 5.77
CA ALA A 78 0.14 -15.45 6.34
C ALA A 78 1.01 -16.17 5.32
N LYS A 79 0.49 -17.23 4.68
CA LYS A 79 1.32 -17.98 3.74
C LYS A 79 1.67 -17.15 2.52
N LEU A 80 0.76 -16.32 2.06
CA LEU A 80 1.04 -15.45 0.92
C LEU A 80 2.11 -14.47 1.29
N ALA A 81 1.95 -13.83 2.45
CA ALA A 81 2.96 -12.86 2.87
C ALA A 81 4.34 -13.49 3.00
N GLN A 82 4.42 -14.71 3.52
CA GLN A 82 5.69 -15.38 3.64
C GLN A 82 6.27 -15.65 2.27
N ALA A 83 5.44 -16.06 1.31
CA ALA A 83 5.91 -16.25 -0.06
C ALA A 83 6.49 -14.95 -0.62
N TYR A 84 5.81 -13.84 -0.38
CA TYR A 84 6.31 -12.56 -0.81
C TYR A 84 7.67 -12.19 -0.17
N GLN A 85 7.80 -12.38 1.13
N GLN A 85 7.77 -12.37 1.14
CA GLN A 85 9.07 -12.09 1.79
CA GLN A 85 9.02 -12.13 1.82
C GLN A 85 10.16 -13.00 1.24
C GLN A 85 10.13 -12.99 1.21
N ASP A 86 9.85 -14.29 1.08
CA ASP A 86 10.82 -15.29 0.56
C ASP A 86 11.29 -14.90 -0.84
N GLY A 87 10.39 -14.34 -1.64
CA GLY A 87 10.68 -13.87 -3.00
C GLY A 87 11.46 -12.60 -3.10
N GLY A 88 11.62 -11.90 -1.98
CA GLY A 88 12.35 -10.66 -1.97
C GLY A 88 11.58 -9.37 -1.97
N ALA A 89 10.29 -9.41 -1.71
CA ALA A 89 9.54 -8.19 -1.53
C ALA A 89 10.16 -7.39 -0.43
N ARG A 90 10.21 -6.06 -0.59
CA ARG A 90 10.75 -5.23 0.51
C ARG A 90 9.73 -4.92 1.59
N ILE A 91 8.45 -4.88 1.18
CA ILE A 91 7.32 -4.51 2.03
C ILE A 91 6.14 -5.35 1.63
N VAL A 92 5.34 -5.78 2.60
CA VAL A 92 4.10 -6.50 2.30
C VAL A 92 2.93 -5.55 2.61
N SER A 93 2.04 -5.36 1.63
CA SER A 93 0.82 -4.60 1.83
C SER A 93 -0.32 -5.55 2.17
N VAL A 94 -1.21 -5.14 3.07
N VAL A 94 -1.19 -5.13 3.08
CA VAL A 94 -2.36 -5.97 3.39
CA VAL A 94 -2.36 -5.93 3.45
C VAL A 94 -3.59 -5.10 3.42
C VAL A 94 -3.57 -5.05 3.38
N VAL A 95 -4.55 -5.49 2.60
CA VAL A 95 -5.81 -4.76 2.47
C VAL A 95 -6.73 -5.05 3.65
N THR A 96 -7.12 -3.99 4.37
CA THR A 96 -7.97 -4.16 5.53
C THR A 96 -9.32 -3.48 5.36
N GLU A 97 -9.56 -2.79 4.26
CA GLU A 97 -10.89 -2.24 3.97
C GLU A 97 -11.84 -3.42 3.79
N GLN A 98 -13.06 -3.30 4.32
CA GLN A 98 -13.91 -4.47 4.53
C GLN A 98 -15.00 -4.69 3.51
N ARG A 99 -15.36 -3.69 2.73
CA ARG A 99 -16.57 -3.76 1.91
C ARG A 99 -16.23 -3.98 0.44
N ARG A 100 -15.54 -3.05 -0.20
CA ARG A 100 -15.16 -3.25 -1.59
C ARG A 100 -14.20 -4.44 -1.73
N PHE A 101 -13.30 -4.60 -0.78
CA PHE A 101 -12.21 -5.56 -0.89
C PHE A 101 -12.27 -6.72 0.10
N GLN A 102 -13.23 -6.69 1.03
CA GLN A 102 -13.49 -7.82 1.92
C GLN A 102 -12.29 -8.20 2.75
N GLY A 103 -11.45 -7.21 3.08
CA GLY A 103 -10.32 -7.44 4.01
C GLY A 103 -10.77 -7.26 5.45
N SER A 104 -9.82 -7.36 6.37
N SER A 104 -9.81 -7.37 6.35
CA SER A 104 -10.08 -7.08 7.78
CA SER A 104 -10.09 -7.29 7.76
C SER A 104 -8.79 -6.84 8.50
C SER A 104 -8.82 -6.95 8.49
N LEU A 105 -8.91 -6.25 9.68
N LEU A 105 -9.00 -6.29 9.63
CA LEU A 105 -7.78 -6.14 10.58
CA LEU A 105 -7.89 -6.10 10.57
C LEU A 105 -7.16 -7.51 10.91
C LEU A 105 -7.22 -7.47 10.99
N ASP A 106 -8.00 -8.54 10.98
CA ASP A 106 -7.48 -9.86 11.26
C ASP A 106 -6.41 -10.25 10.25
N ASP A 107 -6.58 -9.83 8.99
CA ASP A 107 -5.58 -10.14 8.00
C ASP A 107 -4.27 -9.41 8.26
N LEU A 108 -4.34 -8.18 8.76
CA LEU A 108 -3.13 -7.46 9.17
C LEU A 108 -2.42 -8.20 10.30
N ASP A 109 -3.18 -8.65 11.30
CA ASP A 109 -2.61 -9.41 12.38
C ASP A 109 -1.91 -10.67 11.88
N ALA A 110 -2.56 -11.39 10.96
CA ALA A 110 -1.98 -12.60 10.44
C ALA A 110 -0.68 -12.34 9.69
N VAL A 111 -0.71 -11.32 8.84
CA VAL A 111 0.49 -10.96 8.11
C VAL A 111 1.61 -10.48 9.01
N ARG A 112 1.27 -9.63 9.98
CA ARG A 112 2.27 -9.09 10.86
C ARG A 112 3.03 -10.19 11.64
N ALA A 113 2.29 -11.25 12.03
CA ALA A 113 2.89 -12.34 12.77
C ALA A 113 3.73 -13.22 11.89
N SER A 114 3.55 -13.15 10.57
CA SER A 114 4.17 -14.06 9.62
C SER A 114 5.45 -13.55 8.98
N VAL A 115 5.65 -12.24 8.94
CA VAL A 115 6.80 -11.65 8.26
C VAL A 115 7.56 -10.69 9.13
N SER A 116 8.86 -10.55 8.83
CA SER A 116 9.79 -9.70 9.57
C SER A 116 10.21 -8.48 8.77
N ILE A 117 9.61 -8.28 7.62
CA ILE A 117 9.83 -7.08 6.81
C ILE A 117 8.70 -6.08 7.08
N PRO A 118 8.84 -4.83 6.62
CA PRO A 118 7.79 -3.85 6.89
C PRO A 118 6.46 -4.22 6.26
N VAL A 119 5.40 -3.77 6.91
CA VAL A 119 4.02 -4.02 6.55
C VAL A 119 3.28 -2.70 6.32
N LEU A 120 2.63 -2.58 5.18
CA LEU A 120 1.73 -1.48 4.84
C LEU A 120 0.30 -1.86 5.09
N ARG A 121 -0.41 -1.05 5.88
CA ARG A 121 -1.87 -1.21 6.00
C ARG A 121 -2.53 -0.40 4.90
N LYS A 122 -3.19 -1.12 4.01
CA LYS A 122 -3.85 -0.59 2.85
C LYS A 122 -5.35 -0.48 3.17
N ASP A 123 -5.81 0.71 3.44
CA ASP A 123 -7.21 0.96 3.83
C ASP A 123 -7.51 2.39 3.46
N PHE A 124 -8.66 2.88 3.88
CA PHE A 124 -9.15 4.20 3.57
C PHE A 124 -9.25 4.97 4.87
N VAL A 125 -8.18 5.68 5.19
CA VAL A 125 -8.06 6.40 6.46
C VAL A 125 -8.77 7.72 6.41
N VAL A 126 -9.71 7.91 7.34
CA VAL A 126 -10.48 9.13 7.41
C VAL A 126 -10.39 9.81 8.79
N GLN A 127 -9.91 9.10 9.82
CA GLN A 127 -9.86 9.66 11.15
C GLN A 127 -8.70 9.06 11.96
N PRO A 128 -8.20 9.81 12.97
CA PRO A 128 -7.00 9.38 13.65
C PRO A 128 -7.09 8.03 14.33
N TYR A 129 -8.28 7.60 14.74
CA TYR A 129 -8.41 6.30 15.35
C TYR A 129 -7.72 5.23 14.51
N GLN A 130 -7.90 5.29 13.21
CA GLN A 130 -7.37 4.28 12.30
C GLN A 130 -5.85 4.27 12.26
N ILE A 131 -5.24 5.41 12.53
CA ILE A 131 -3.77 5.57 12.49
C ILE A 131 -3.16 4.89 13.71
N HIS A 132 -3.70 5.22 14.88
CA HIS A 132 -3.29 4.51 16.09
C HIS A 132 -3.58 3.01 16.00
N GLU A 133 -4.74 2.68 15.45
CA GLU A 133 -5.08 1.27 15.28
C GLU A 133 -4.09 0.56 14.40
N ALA A 134 -3.72 1.17 13.25
CA ALA A 134 -2.74 0.57 12.39
C ALA A 134 -1.45 0.28 13.16
N ARG A 135 -1.00 1.26 13.92
CA ARG A 135 0.24 1.13 14.66
C ARG A 135 0.14 0.02 15.73
N ALA A 136 -0.99 -0.03 16.44
CA ALA A 136 -1.21 -1.04 17.47
C ALA A 136 -1.18 -2.43 16.90
N HIS A 137 -1.61 -2.58 15.65
CA HIS A 137 -1.63 -3.89 15.03
C HIS A 137 -0.40 -4.16 14.16
N GLY A 138 0.63 -3.31 14.30
CA GLY A 138 1.94 -3.62 13.78
C GLY A 138 2.29 -3.03 12.42
N ALA A 139 1.47 -2.15 11.89
CA ALA A 139 1.79 -1.54 10.60
C ALA A 139 3.00 -0.64 10.75
N ASP A 140 3.83 -0.64 9.73
CA ASP A 140 4.99 0.22 9.62
C ASP A 140 4.77 1.37 8.65
N MSE A 141 3.90 1.15 7.67
CA MSE A 141 3.55 2.10 6.64
C MSE A 141 2.05 2.17 6.62
O MSE A 141 1.37 1.14 6.84
CB MSE A 141 4.11 1.64 5.31
CG MSE A 141 4.19 2.68 4.24
SE MSE A 141 4.78 1.90 2.54
CE MSE A 141 5.54 3.44 1.77
N LEU A 142 1.50 3.33 6.29
CA LEU A 142 0.06 3.57 6.23
C LEU A 142 -0.31 4.33 4.99
N LEU A 143 -1.28 3.81 4.26
CA LEU A 143 -1.81 4.52 3.09
C LEU A 143 -2.68 5.68 3.53
N LEU A 144 -2.48 6.84 2.92
CA LEU A 144 -3.37 8.00 3.05
C LEU A 144 -3.78 8.38 1.63
N ILE A 145 -5.03 8.69 1.39
CA ILE A 145 -5.55 8.90 0.04
C ILE A 145 -6.04 10.34 -0.10
N VAL A 146 -5.40 11.10 -0.97
CA VAL A 146 -5.78 12.52 -1.14
C VAL A 146 -7.24 12.66 -1.47
N ALA A 147 -7.75 11.80 -2.34
CA ALA A 147 -9.15 11.90 -2.75
C ALA A 147 -10.15 11.72 -1.60
N ALA A 148 -9.73 11.12 -0.50
CA ALA A 148 -10.63 10.85 0.62
C ALA A 148 -10.68 11.99 1.62
N LEU A 149 -9.75 12.94 1.52
CA LEU A 149 -9.53 13.89 2.62
C LEU A 149 -9.45 15.32 2.18
N GLU A 150 -10.08 16.21 2.95
CA GLU A 150 -9.86 17.64 2.80
C GLU A 150 -8.41 17.94 3.22
N GLN A 151 -7.82 18.96 2.60
CA GLN A 151 -6.38 19.19 2.77
C GLN A 151 -5.90 19.32 4.21
N SER A 152 -6.58 20.11 5.03
CA SER A 152 -6.12 20.27 6.39
C SER A 152 -6.15 18.95 7.18
N VAL A 153 -7.11 18.10 6.85
CA VAL A 153 -7.23 16.79 7.47
C VAL A 153 -6.11 15.88 6.95
N LEU A 154 -5.84 15.92 5.65
CA LEU A 154 -4.69 15.19 5.10
C LEU A 154 -3.41 15.55 5.81
N VAL A 155 -3.16 16.85 6.00
CA VAL A 155 -1.95 17.28 6.68
C VAL A 155 -1.92 16.69 8.12
N SER A 156 -3.06 16.82 8.80
N SER A 156 -3.04 16.78 8.83
CA SER A 156 -3.21 16.28 10.14
CA SER A 156 -3.05 16.28 10.20
C SER A 156 -2.90 14.79 10.19
C SER A 156 -2.97 14.75 10.27
N MSE A 157 -3.49 14.03 9.28
CA MSE A 157 -3.30 12.57 9.26
C MSE A 157 -1.87 12.18 8.94
O MSE A 157 -1.33 11.23 9.50
CB MSE A 157 -4.24 11.89 8.26
CG MSE A 157 -5.73 12.03 8.44
SE MSE A 157 -6.48 11.59 10.18
CE MSE A 157 -6.40 13.41 10.90
N LEU A 158 -1.25 12.92 8.03
CA LEU A 158 0.15 12.71 7.68
C LEU A 158 1.05 12.96 8.90
N ASP A 159 0.82 14.07 9.60
CA ASP A 159 1.58 14.38 10.79
C ASP A 159 1.40 13.32 11.87
N ARG A 160 0.18 12.82 12.07
CA ARG A 160 -0.04 11.82 13.09
C ARG A 160 0.66 10.50 12.74
N THR A 161 0.61 10.13 11.46
CA THR A 161 1.29 8.92 10.97
C THR A 161 2.76 9.02 11.26
N GLU A 162 3.37 10.17 10.94
CA GLU A 162 4.80 10.35 11.14
C GLU A 162 5.18 10.42 12.61
N SER A 163 4.35 11.08 13.42
CA SER A 163 4.63 11.18 14.86
C SER A 163 4.70 9.82 15.50
N LEU A 164 3.87 8.88 15.04
CA LEU A 164 3.86 7.52 15.56
C LEU A 164 5.01 6.69 15.07
N GLY A 165 5.83 7.24 14.18
CA GLY A 165 7.01 6.55 13.67
C GLY A 165 6.77 5.75 12.40
N MSE A 166 5.60 5.92 11.77
CA MSE A 166 5.30 5.24 10.53
C MSE A 166 5.56 6.16 9.35
O MSE A 166 5.69 7.36 9.49
CB MSE A 166 3.87 4.76 10.50
CG MSE A 166 3.57 3.69 11.57
SE MSE A 166 1.73 3.02 11.55
CE MSE A 166 0.79 4.64 12.00
N THR A 167 5.68 5.55 8.18
CA THR A 167 5.78 6.27 6.91
C THR A 167 4.41 6.27 6.25
N ALA A 168 4.00 7.40 5.71
CA ALA A 168 2.79 7.48 4.94
C ALA A 168 3.06 7.21 3.48
N LEU A 169 2.26 6.35 2.86
CA LEU A 169 2.24 6.25 1.40
C LEU A 169 1.04 7.10 0.93
N VAL A 170 1.31 8.28 0.36
CA VAL A 170 0.25 9.22 0.03
C VAL A 170 -0.18 8.99 -1.41
N GLU A 171 -1.41 8.51 -1.58
CA GLU A 171 -1.93 8.07 -2.86
C GLU A 171 -2.61 9.22 -3.60
N VAL A 172 -2.26 9.39 -4.87
CA VAL A 172 -2.79 10.44 -5.73
C VAL A 172 -3.34 9.79 -7.02
N HIS A 173 -4.32 10.45 -7.61
CA HIS A 173 -4.95 9.98 -8.85
C HIS A 173 -4.85 10.97 -9.99
N THR A 174 -4.46 12.20 -9.69
CA THR A 174 -4.39 13.29 -10.66
C THR A 174 -3.20 14.18 -10.37
N GLU A 175 -2.82 15.03 -11.33
CA GLU A 175 -1.73 15.96 -11.11
C GLU A 175 -2.04 16.94 -9.97
N GLN A 176 -3.28 17.39 -9.93
CA GLN A 176 -3.68 18.29 -8.87
C GLN A 176 -3.60 17.61 -7.47
N GLU A 177 -3.94 16.33 -7.38
CA GLU A 177 -3.77 15.61 -6.12
C GLU A 177 -2.31 15.45 -5.77
N ALA A 178 -1.46 15.27 -6.78
CA ALA A 178 -0.02 15.21 -6.55
C ALA A 178 0.47 16.54 -6.01
N ASP A 179 -0.02 17.67 -6.56
CA ASP A 179 0.36 18.98 -6.05
C ASP A 179 0.01 19.08 -4.56
N ARG A 180 -1.19 18.60 -4.21
CA ARG A 180 -1.65 18.65 -2.83
C ARG A 180 -0.82 17.78 -1.92
N ALA A 181 -0.45 16.59 -2.38
CA ALA A 181 0.37 15.69 -1.58
C ALA A 181 1.74 16.34 -1.29
N LEU A 182 2.31 16.99 -2.30
CA LEU A 182 3.59 17.65 -2.15
C LEU A 182 3.44 18.78 -1.13
N LYS A 183 2.38 19.56 -1.26
CA LYS A 183 2.18 20.70 -0.33
C LYS A 183 1.96 20.23 1.09
N ALA A 184 1.35 19.06 1.22
CA ALA A 184 1.12 18.47 2.55
C ALA A 184 2.39 17.97 3.23
N GLY A 185 3.45 17.76 2.47
CA GLY A 185 4.70 17.27 2.99
C GLY A 185 4.98 15.81 2.74
N ALA A 186 4.28 15.18 1.82
CA ALA A 186 4.50 13.76 1.59
C ALA A 186 5.94 13.46 1.19
N LYS A 187 6.51 12.40 1.74
CA LYS A 187 7.83 11.86 1.43
C LYS A 187 7.78 10.74 0.39
N VAL A 188 6.65 10.08 0.33
CA VAL A 188 6.39 8.92 -0.52
C VAL A 188 5.05 9.14 -1.15
N ILE A 189 5.01 9.24 -2.48
CA ILE A 189 3.78 9.48 -3.21
C ILE A 189 3.56 8.34 -4.16
N GLY A 190 2.39 7.73 -4.04
CA GLY A 190 1.95 6.64 -4.92
C GLY A 190 0.93 7.17 -5.89
N VAL A 191 1.01 6.68 -7.12
CA VAL A 191 -0.01 6.98 -8.10
C VAL A 191 -0.88 5.74 -8.25
N ASN A 192 -2.18 5.89 -8.03
N ASN A 192 -2.18 5.89 -8.06
CA ASN A 192 -3.14 4.80 -8.22
CA ASN A 192 -3.09 4.78 -8.25
C ASN A 192 -4.00 5.18 -9.40
C ASN A 192 -4.11 5.06 -9.33
N ALA A 193 -3.87 4.43 -10.49
CA ALA A 193 -4.66 4.64 -11.70
C ALA A 193 -5.76 3.62 -11.87
N ARG A 194 -6.07 2.86 -10.83
CA ARG A 194 -7.09 1.85 -10.94
C ARG A 194 -8.48 2.40 -10.70
N ASP A 195 -9.42 1.98 -11.52
CA ASP A 195 -10.81 2.27 -11.32
C ASP A 195 -11.38 1.38 -10.21
N LEU A 196 -12.06 1.97 -9.24
CA LEU A 196 -12.60 1.20 -8.12
C LEU A 196 -13.73 0.25 -8.49
N MSE A 197 -14.41 0.48 -9.61
N MSE A 197 -14.40 0.49 -9.62
CA MSE A 197 -15.42 -0.46 -10.03
CA MSE A 197 -15.46 -0.41 -10.08
C MSE A 197 -14.79 -1.66 -10.73
C MSE A 197 -14.93 -1.62 -10.82
O MSE A 197 -14.94 -2.80 -10.27
O MSE A 197 -15.34 -2.74 -10.52
CB MSE A 197 -16.43 0.19 -10.94
CB MSE A 197 -16.42 0.33 -11.00
CG MSE A 197 -17.49 -0.79 -11.41
CG MSE A 197 -17.26 1.35 -10.29
SE MSE A 197 -18.87 0.06 -12.49
SE MSE A 197 -18.76 1.95 -11.36
CE MSE A 197 -19.83 0.96 -11.06
CE MSE A 197 -19.97 0.42 -11.12
N THR A 198 -14.08 -1.40 -11.82
CA THR A 198 -13.56 -2.48 -12.69
C THR A 198 -12.25 -3.08 -12.23
N LEU A 199 -11.46 -2.28 -11.51
CA LEU A 199 -10.09 -2.63 -11.18
C LEU A 199 -9.15 -2.57 -12.36
N ASP A 200 -9.61 -2.00 -13.46
CA ASP A 200 -8.75 -1.71 -14.59
C ASP A 200 -7.93 -0.45 -14.37
N VAL A 201 -6.78 -0.44 -14.99
CA VAL A 201 -5.78 0.58 -14.78
C VAL A 201 -5.62 1.44 -16.02
N ASP A 202 -5.70 2.75 -15.83
CA ASP A 202 -5.49 3.74 -16.90
C ASP A 202 -3.98 3.81 -17.18
N ARG A 203 -3.54 3.42 -18.39
CA ARG A 203 -2.12 3.37 -18.74
C ARG A 203 -1.43 4.71 -18.77
N ASP A 204 -2.19 5.79 -18.84
CA ASP A 204 -1.50 7.08 -18.99
C ASP A 204 -1.25 7.86 -17.71
N CYS A 205 -1.86 7.45 -16.62
N CYS A 205 -1.92 7.50 -16.60
CA CYS A 205 -1.89 8.24 -15.41
CA CYS A 205 -1.86 8.29 -15.37
C CYS A 205 -0.52 8.36 -14.72
C CYS A 205 -0.46 8.39 -14.77
N PHE A 206 0.18 7.25 -14.52
CA PHE A 206 1.49 7.29 -13.86
C PHE A 206 2.45 8.12 -14.70
N ALA A 207 2.52 7.77 -15.96
CA ALA A 207 3.44 8.41 -16.87
C ALA A 207 3.23 9.92 -16.94
N ARG A 208 1.99 10.37 -16.80
CA ARG A 208 1.67 11.79 -16.74
C ARG A 208 2.02 12.47 -15.42
N ILE A 209 1.75 11.81 -14.31
CA ILE A 209 1.94 12.40 -12.99
C ILE A 209 3.38 12.35 -12.53
N ALA A 210 4.05 11.23 -12.78
CA ALA A 210 5.41 11.03 -12.21
C ALA A 210 6.45 12.12 -12.53
N PRO A 211 6.45 12.68 -13.76
CA PRO A 211 7.45 13.70 -14.08
C PRO A 211 7.30 14.95 -13.24
N GLY A 212 6.10 15.19 -12.72
CA GLY A 212 5.88 16.31 -11.81
C GLY A 212 6.32 16.07 -10.37
N LEU A 213 6.78 14.87 -10.06
CA LEU A 213 7.17 14.52 -8.69
C LEU A 213 8.67 14.70 -8.59
N PRO A 214 9.14 15.58 -7.67
CA PRO A 214 10.56 15.87 -7.57
C PRO A 214 11.35 14.70 -7.06
N SER A 215 12.66 14.77 -7.28
CA SER A 215 13.56 13.67 -6.98
C SER A 215 13.65 13.36 -5.49
N SER A 216 13.26 14.32 -4.67
CA SER A 216 13.23 14.19 -3.23
C SER A 216 12.07 13.36 -2.70
N VAL A 217 11.12 12.99 -3.54
CA VAL A 217 10.07 12.08 -3.10
C VAL A 217 10.28 10.70 -3.71
N ILE A 218 9.88 9.68 -2.97
N ILE A 218 9.91 9.67 -2.96
CA ILE A 218 9.92 8.32 -3.48
CA ILE A 218 9.88 8.31 -3.49
C ILE A 218 8.62 8.07 -4.23
C ILE A 218 8.60 8.18 -4.29
N ARG A 219 8.74 7.77 -5.53
N ARG A 219 8.73 7.74 -5.55
CA ARG A 219 7.60 7.64 -6.42
CA ARG A 219 7.62 7.64 -6.47
C ARG A 219 7.22 6.17 -6.55
C ARG A 219 7.19 6.18 -6.62
N ILE A 220 5.97 5.85 -6.23
CA ILE A 220 5.50 4.49 -6.23
C ILE A 220 4.40 4.30 -7.25
N ALA A 221 4.57 3.29 -8.12
CA ALA A 221 3.47 2.87 -9.03
C ALA A 221 2.59 1.92 -8.25
N GLU A 222 1.46 2.41 -7.72
CA GLU A 222 0.55 1.56 -6.94
C GLU A 222 -0.32 0.63 -7.76
N SER A 223 -0.37 0.81 -9.06
CA SER A 223 -1.26 0.00 -9.92
C SER A 223 -0.59 -0.32 -11.26
N GLY A 224 -0.95 -1.43 -11.84
CA GLY A 224 -0.60 -1.69 -13.21
C GLY A 224 0.59 -2.57 -13.44
N VAL A 225 1.38 -2.88 -12.41
CA VAL A 225 2.55 -3.73 -12.56
C VAL A 225 2.19 -5.16 -12.24
N ARG A 226 2.25 -6.00 -13.26
CA ARG A 226 1.82 -7.40 -13.19
C ARG A 226 2.91 -8.41 -13.47
N GLY A 227 4.13 -7.95 -13.68
CA GLY A 227 5.25 -8.73 -14.13
C GLY A 227 6.37 -7.84 -14.56
N THR A 228 7.45 -8.46 -14.97
CA THR A 228 8.64 -7.75 -15.38
C THR A 228 8.38 -6.82 -16.55
N ALA A 229 7.55 -7.22 -17.52
CA ALA A 229 7.31 -6.35 -18.66
C ALA A 229 6.77 -4.98 -18.20
N ASP A 230 5.76 -4.99 -17.35
CA ASP A 230 5.23 -3.74 -16.80
C ASP A 230 6.26 -3.05 -15.92
N LEU A 231 6.99 -3.79 -15.10
CA LEU A 231 7.96 -3.17 -14.22
C LEU A 231 8.95 -2.31 -15.02
N LEU A 232 9.42 -2.85 -16.14
CA LEU A 232 10.38 -2.10 -16.95
C LEU A 232 9.79 -0.82 -17.53
N ALA A 233 8.54 -0.88 -17.93
CA ALA A 233 7.86 0.30 -18.44
C ALA A 233 7.71 1.35 -17.37
N TYR A 234 7.26 0.97 -16.18
CA TYR A 234 7.07 1.90 -15.09
C TYR A 234 8.38 2.45 -14.57
N ALA A 235 9.42 1.61 -14.51
CA ALA A 235 10.75 2.09 -14.12
C ALA A 235 11.21 3.18 -15.07
N GLY A 236 11.00 2.98 -16.36
CA GLY A 236 11.38 3.99 -17.34
C GLY A 236 10.65 5.30 -17.18
N ALA A 237 9.45 5.20 -16.63
CA ALA A 237 8.58 6.34 -16.43
C ALA A 237 8.86 7.04 -15.09
N GLY A 238 9.74 6.49 -14.27
CA GLY A 238 10.13 7.12 -13.03
C GLY A 238 9.75 6.43 -11.74
N ALA A 239 9.23 5.21 -11.78
CA ALA A 239 8.92 4.52 -10.56
C ALA A 239 10.15 4.10 -9.78
N ASP A 240 10.17 4.43 -8.50
CA ASP A 240 11.18 3.95 -7.58
C ASP A 240 10.84 2.62 -6.92
N ALA A 241 9.54 2.35 -6.79
CA ALA A 241 9.01 1.08 -6.26
C ALA A 241 7.69 0.83 -6.95
N VAL A 242 7.26 -0.42 -6.92
CA VAL A 242 6.01 -0.83 -7.54
C VAL A 242 5.24 -1.65 -6.52
N LEU A 243 3.93 -1.52 -6.53
CA LEU A 243 3.02 -2.30 -5.70
C LEU A 243 2.33 -3.31 -6.59
N VAL A 244 2.50 -4.58 -6.28
CA VAL A 244 1.96 -5.66 -7.13
C VAL A 244 1.00 -6.52 -6.30
N GLY A 245 0.07 -7.11 -7.01
CA GLY A 245 -0.97 -7.93 -6.40
C GLY A 245 -2.03 -8.20 -7.42
N GLU A 246 -2.94 -7.28 -7.61
CA GLU A 246 -4.07 -7.45 -8.55
C GLU A 246 -3.50 -7.66 -9.96
N GLY A 247 -3.83 -8.77 -10.58
CA GLY A 247 -3.39 -9.06 -11.93
C GLY A 247 -2.00 -9.64 -12.03
N LEU A 248 -1.29 -9.79 -10.92
CA LEU A 248 0.07 -10.32 -10.97
C LEU A 248 0.04 -11.70 -11.61
N VAL A 249 0.91 -11.95 -12.57
CA VAL A 249 0.96 -13.28 -13.21
C VAL A 249 1.79 -14.15 -12.31
N THR A 250 1.10 -14.92 -11.48
CA THR A 250 1.70 -15.73 -10.45
C THR A 250 1.78 -17.23 -10.78
N SER A 251 0.87 -17.73 -11.62
N SER A 251 0.84 -17.71 -11.59
CA SER A 251 0.86 -19.15 -12.01
CA SER A 251 0.80 -19.10 -12.02
C SER A 251 0.96 -20.10 -10.84
C SER A 251 0.97 -20.06 -10.84
N GLY A 252 0.25 -19.80 -9.76
CA GLY A 252 0.27 -20.63 -8.58
C GLY A 252 1.49 -20.49 -7.69
N ASP A 253 2.43 -19.58 -8.01
CA ASP A 253 3.75 -19.52 -7.37
C ASP A 253 4.13 -18.07 -7.16
N PRO A 254 3.47 -17.40 -6.19
CA PRO A 254 3.77 -15.98 -5.97
C PRO A 254 5.22 -15.72 -5.55
N ARG A 255 5.85 -16.63 -4.83
N ARG A 255 5.86 -16.64 -4.84
CA ARG A 255 7.28 -16.43 -4.49
CA ARG A 255 7.27 -16.44 -4.48
C ARG A 255 8.07 -16.19 -5.76
C ARG A 255 8.14 -16.25 -5.72
N ALA A 256 7.92 -17.09 -6.73
CA ALA A 256 8.70 -17.00 -7.95
C ALA A 256 8.38 -15.74 -8.72
N ALA A 257 7.10 -15.38 -8.74
CA ALA A 257 6.70 -14.17 -9.44
C ALA A 257 7.38 -12.93 -8.84
N VAL A 258 7.42 -12.85 -7.51
CA VAL A 258 8.08 -11.73 -6.85
C VAL A 258 9.59 -11.79 -7.09
N ALA A 259 10.19 -12.97 -7.04
CA ALA A 259 11.63 -13.10 -7.25
C ALA A 259 12.00 -12.61 -8.65
N ASP A 260 11.18 -12.92 -9.64
CA ASP A 260 11.47 -12.40 -10.99
C ASP A 260 11.39 -10.88 -11.08
N LEU A 261 10.42 -10.27 -10.41
CA LEU A 261 10.37 -8.82 -10.34
C LEU A 261 11.60 -8.23 -9.69
N VAL A 262 12.04 -8.86 -8.62
CA VAL A 262 13.22 -8.37 -7.89
C VAL A 262 14.44 -8.45 -8.78
N THR A 263 14.61 -9.57 -9.47
CA THR A 263 15.73 -9.74 -10.39
C THR A 263 15.73 -8.64 -11.42
N ALA A 264 14.59 -8.33 -12.03
CA ALA A 264 14.53 -7.30 -13.04
C ALA A 264 14.82 -5.92 -12.45
N GLY A 265 14.24 -5.63 -11.28
CA GLY A 265 14.32 -4.30 -10.70
C GLY A 265 15.66 -3.97 -10.13
N THR A 266 16.48 -4.98 -9.85
CA THR A 266 17.81 -4.78 -9.28
C THR A 266 18.90 -4.98 -10.32
N HIS A 267 18.52 -5.27 -11.55
CA HIS A 267 19.47 -5.42 -12.62
C HIS A 267 20.13 -4.06 -12.91
N PRO A 268 21.47 -4.02 -12.99
CA PRO A 268 22.15 -2.75 -13.21
C PRO A 268 21.65 -1.98 -14.43
N SER A 269 21.17 -2.71 -15.44
CA SER A 269 20.66 -2.11 -16.67
C SER A 269 19.15 -1.88 -16.70
N CYS A 270 18.48 -1.99 -15.55
CA CYS A 270 17.05 -1.68 -15.50
C CYS A 270 16.84 -0.21 -15.86
N PRO A 271 15.86 0.09 -16.75
CA PRO A 271 15.59 1.48 -17.15
C PRO A 271 15.35 2.41 -15.97
N LYS A 272 15.72 3.68 -16.08
CA LYS A 272 15.37 4.65 -15.01
C LYS A 272 15.48 6.08 -15.48
C1 BTB B . -13.07 16.27 -1.02
O1 BTB B . -11.97 16.33 -0.11
C2 BTB B . -14.38 15.94 -0.29
C3 BTB B . -14.81 17.14 0.57
O3 BTB B . -15.19 18.28 -0.25
C4 BTB B . -15.51 15.68 -1.31
O4 BTB B . -16.68 15.21 -0.60
N BTB B . -14.32 14.68 0.54
C5 BTB B . -13.74 14.76 1.93
C6 BTB B . -14.79 14.35 2.98
O6 BTB B . -15.94 15.20 2.89
C7 BTB B . -13.70 13.53 -0.18
C8 BTB B . -14.25 12.21 0.36
O8 BTB B . -15.69 12.22 0.44
#